data_6J06
#
_entry.id   6J06
#
_cell.length_a   112.929
_cell.length_b   211.588
_cell.length_c   56.269
_cell.angle_alpha   90.00
_cell.angle_beta   90.00
_cell.angle_gamma   90.00
#
_symmetry.space_group_name_H-M   'P 21 21 2'
#
loop_
_entity.id
_entity.type
_entity.pdbx_description
1 polymer 'Butyrophilin subfamily 3 member A1'
2 non-polymer '(2E)-3-(hydroxymethyl)-4-(4-methylphenyl)but-2-en-1-yl trihydrogen diphosphate'
3 non-polymer 'SULFATE ION'
4 non-polymer 'CITRATE ANION'
5 non-polymer 'CALCIUM ION'
6 water water
#
_entity_poly.entity_id   1
_entity_poly.type   'polypeptide(L)'
_entity_poly.pdbx_seq_one_letter_code
;MGAYNEWKKALFKPADVILDPKTANPILLVSEDQRSVQRAKEPQDLPDNPERFNWHYCVLGCESFISGRHYWEVEVGDRK
EWHIGVCSKNVQRKGWVKMTPENGFWTMGLTDGNKYRTLTEPRTNLKLPKPPKKVGVFLDYETGDISFYNAVDGSHIHTF
LDVSFSEALYPVFRILTLEPTALTICPALEHHHHHH
;
_entity_poly.pdbx_strand_id   A,B,C
#
# COMPACT_ATOMS: atom_id res chain seq x y z
N GLY A 2 17.68 32.47 10.52
CA GLY A 2 18.99 31.93 11.01
C GLY A 2 19.77 31.35 9.84
N ALA A 3 20.99 30.89 10.10
CA ALA A 3 21.78 30.40 8.99
C ALA A 3 21.14 29.16 8.30
N TYR A 4 20.63 28.22 9.09
CA TYR A 4 19.88 27.07 8.59
C TYR A 4 18.77 27.50 7.60
N ASN A 5 17.90 28.40 8.00
CA ASN A 5 16.92 28.92 7.03
C ASN A 5 17.50 29.63 5.85
N GLU A 6 18.53 30.45 6.07
CA GLU A 6 19.03 31.32 5.02
C GLU A 6 19.81 30.55 3.98
N TRP A 7 20.51 29.50 4.39
CA TRP A 7 21.48 28.82 3.52
C TRP A 7 21.04 27.48 2.89
N LYS A 8 20.04 26.81 3.46
CA LYS A 8 19.73 25.40 3.09
C LYS A 8 19.43 25.22 1.60
N LYS A 9 18.63 26.13 1.05
CA LYS A 9 18.29 26.15 -0.38
C LYS A 9 19.48 26.49 -1.29
N ALA A 10 20.53 27.08 -0.77
CA ALA A 10 21.68 27.34 -1.60
C ALA A 10 22.47 26.06 -1.72
N LEU A 11 22.37 25.19 -0.74
CA LEU A 11 23.15 23.96 -0.74
C LEU A 11 22.38 22.68 -1.14
N PHE A 12 21.05 22.67 -0.95
CA PHE A 12 20.23 21.47 -1.15
C PHE A 12 18.94 21.88 -1.85
N LYS A 13 18.51 21.09 -2.81
CA LYS A 13 17.27 21.36 -3.51
C LYS A 13 16.11 20.89 -2.64
N PRO A 14 15.15 21.79 -2.41
CA PRO A 14 13.96 21.42 -1.66
C PRO A 14 13.13 20.35 -2.36
N ALA A 15 12.98 19.20 -1.73
CA ALA A 15 12.10 18.17 -2.25
C ALA A 15 10.69 18.45 -1.84
N ASP A 16 9.78 18.32 -2.79
CA ASP A 16 8.34 18.31 -2.57
C ASP A 16 7.94 16.84 -2.28
N VAL A 17 7.94 16.48 -1.01
CA VAL A 17 7.65 15.13 -0.63
C VAL A 17 6.18 14.89 -0.52
N ILE A 18 5.72 13.93 -1.31
CA ILE A 18 4.32 13.55 -1.32
C ILE A 18 4.17 12.09 -0.99
N LEU A 19 3.51 11.82 0.12
CA LEU A 19 3.37 10.47 0.64
C LEU A 19 2.61 9.56 -0.31
N ASP A 20 3.15 8.37 -0.51
CA ASP A 20 2.62 7.44 -1.46
C ASP A 20 1.76 6.39 -0.74
N PRO A 21 0.41 6.56 -0.78
CA PRO A 21 -0.58 5.69 -0.09
C PRO A 21 -0.40 4.21 -0.38
N LYS A 22 0.03 3.86 -1.59
CA LYS A 22 0.15 2.45 -1.92
C LYS A 22 1.33 1.79 -1.25
N THR A 23 2.18 2.57 -0.57
CA THR A 23 3.33 1.95 0.11
C THR A 23 3.06 1.75 1.56
N ALA A 24 1.99 2.41 2.02
CA ALA A 24 1.77 2.53 3.46
C ALA A 24 1.20 1.24 4.00
N ASN A 25 1.88 0.68 4.97
CA ASN A 25 1.30 -0.37 5.78
C ASN A 25 -0.16 -0.03 6.05
N PRO A 26 -1.05 -1.05 5.97
CA PRO A 26 -2.49 -0.83 6.08
C PRO A 26 -2.93 -0.26 7.41
N ILE A 27 -2.10 -0.41 8.44
CA ILE A 27 -2.36 0.18 9.73
C ILE A 27 -2.11 1.70 9.76
N LEU A 28 -1.65 2.28 8.65
CA LEU A 28 -1.42 3.74 8.57
C LEU A 28 -2.49 4.37 7.70
N LEU A 29 -2.78 5.62 7.98
CA LEU A 29 -3.75 6.40 7.21
C LEU A 29 -3.02 7.60 6.69
N VAL A 30 -3.15 7.86 5.40
CA VAL A 30 -2.44 8.97 4.80
C VAL A 30 -3.50 10.02 4.53
N SER A 31 -3.23 11.27 4.89
CA SER A 31 -4.18 12.34 4.70
C SER A 31 -4.53 12.53 3.22
N GLU A 32 -5.74 13.03 2.97
CA GLU A 32 -6.20 13.40 1.64
C GLU A 32 -5.14 14.15 0.85
N ASP A 33 -4.52 15.13 1.49
CA ASP A 33 -3.51 15.96 0.81
C ASP A 33 -2.13 15.32 0.76
N GLN A 34 -2.01 14.12 1.34
CA GLN A 34 -0.84 13.25 1.24
C GLN A 34 0.41 13.90 1.77
N ARG A 35 0.21 14.75 2.76
CA ARG A 35 1.33 15.35 3.50
C ARG A 35 1.43 14.85 4.91
N SER A 36 0.42 14.14 5.36
CA SER A 36 0.39 13.68 6.73
CA SER A 36 0.39 13.68 6.73
C SER A 36 0.05 12.20 6.78
N VAL A 37 0.59 11.54 7.79
CA VAL A 37 0.33 10.15 7.98
C VAL A 37 0.02 9.95 9.46
N GLN A 38 -0.95 9.09 9.73
CA GLN A 38 -1.27 8.73 11.09
C GLN A 38 -1.32 7.22 11.23
N ARG A 39 -1.21 6.76 12.47
CA ARG A 39 -1.58 5.40 12.79
C ARG A 39 -3.03 5.24 13.13
N ALA A 40 -3.64 4.17 12.61
CA ALA A 40 -5.09 3.94 12.68
C ALA A 40 -5.41 2.93 13.80
N LYS A 41 -6.68 2.87 14.22
CA LYS A 41 -7.06 1.90 15.27
C LYS A 41 -6.98 0.49 14.67
N GLU A 42 -7.32 0.41 13.39
CA GLU A 42 -7.48 -0.85 12.68
C GLU A 42 -6.94 -0.79 11.25
N PRO A 43 -6.63 -1.96 10.69
CA PRO A 43 -6.10 -2.02 9.34
C PRO A 43 -7.14 -1.53 8.39
N GLN A 44 -6.71 -0.73 7.42
CA GLN A 44 -7.51 -0.46 6.24
C GLN A 44 -7.58 -1.69 5.36
N ASP A 45 -8.66 -1.76 4.59
CA ASP A 45 -8.92 -2.89 3.74
C ASP A 45 -8.21 -2.65 2.41
N LEU A 46 -6.97 -3.11 2.35
CA LEU A 46 -6.12 -2.76 1.25
C LEU A 46 -5.42 -4.02 0.75
N PRO A 47 -5.04 -4.01 -0.53
CA PRO A 47 -4.29 -5.10 -1.17
C PRO A 47 -2.85 -5.17 -0.73
N ASP A 48 -2.24 -6.35 -0.87
CA ASP A 48 -0.83 -6.53 -0.55
C ASP A 48 0.00 -6.35 -1.81
N ASN A 49 -0.35 -5.34 -2.61
CA ASN A 49 0.44 -4.96 -3.79
C ASN A 49 1.92 -4.77 -3.45
N PRO A 50 2.81 -5.00 -4.42
CA PRO A 50 4.23 -5.25 -4.05
C PRO A 50 4.98 -4.02 -3.53
N GLU A 51 4.43 -2.84 -3.75
CA GLU A 51 4.98 -1.62 -3.13
C GLU A 51 4.67 -1.44 -1.64
N ARG A 52 3.76 -2.24 -1.10
CA ARG A 52 3.30 -2.01 0.24
C ARG A 52 4.15 -2.68 1.31
N PHE A 53 4.63 -1.89 2.26
CA PHE A 53 5.20 -2.43 3.45
C PHE A 53 4.10 -3.19 4.19
N ASN A 54 4.33 -4.45 4.51
CA ASN A 54 3.35 -5.25 5.20
C ASN A 54 3.78 -5.83 6.53
N TRP A 55 4.93 -5.42 7.04
CA TRP A 55 5.35 -5.78 8.41
C TRP A 55 5.72 -4.50 9.20
N HIS A 56 6.68 -3.73 8.71
CA HIS A 56 6.97 -2.45 9.27
C HIS A 56 5.88 -1.43 8.96
N TYR A 57 5.70 -0.49 9.87
CA TYR A 57 4.67 0.49 9.70
C TYR A 57 5.28 1.68 8.99
N CYS A 58 5.63 1.52 7.72
CA CYS A 58 6.32 2.57 7.03
C CYS A 58 5.48 3.08 5.90
N VAL A 59 5.84 4.24 5.39
CA VAL A 59 5.33 4.74 4.14
C VAL A 59 6.44 5.57 3.53
N LEU A 60 6.46 5.69 2.21
CA LEU A 60 7.51 6.37 1.52
C LEU A 60 6.89 7.58 0.86
N GLY A 61 7.75 8.50 0.43
CA GLY A 61 7.35 9.48 -0.58
C GLY A 61 7.34 8.86 -1.96
N CYS A 62 6.63 9.51 -2.88
CA CYS A 62 6.49 9.07 -4.25
C CYS A 62 7.78 9.21 -5.05
N GLU A 63 8.51 10.32 -4.87
CA GLU A 63 9.72 10.60 -5.65
C GLU A 63 10.97 10.06 -4.97
N SER A 64 11.83 9.40 -5.75
CA SER A 64 13.14 8.93 -5.27
C SER A 64 14.26 9.74 -5.89
N PHE A 65 15.47 9.50 -5.40
CA PHE A 65 16.65 10.24 -5.83
C PHE A 65 17.80 9.29 -6.18
N ILE A 66 18.48 9.57 -7.29
CA ILE A 66 19.64 8.82 -7.67
C ILE A 66 20.89 9.69 -7.73
N SER A 67 20.76 10.93 -7.31
CA SER A 67 21.84 11.89 -7.48
C SER A 67 21.45 13.18 -6.80
N GLY A 68 22.45 14.02 -6.58
CA GLY A 68 22.26 15.42 -6.17
C GLY A 68 22.11 15.65 -4.67
N ARG A 69 21.65 16.85 -4.36
CA ARG A 69 21.46 17.24 -2.97
C ARG A 69 20.03 17.71 -2.71
N HIS A 70 19.43 17.17 -1.63
CA HIS A 70 18.00 17.27 -1.45
C HIS A 70 17.70 17.35 0.02
N TYR A 71 16.58 17.97 0.35
CA TYR A 71 16.16 18.09 1.74
C TYR A 71 14.66 18.26 1.82
N TRP A 72 14.10 17.69 2.88
CA TRP A 72 12.72 17.98 3.19
C TRP A 72 12.60 18.14 4.70
N GLU A 73 11.47 18.70 5.12
CA GLU A 73 11.25 18.94 6.54
C GLU A 73 9.97 18.28 7.02
N VAL A 74 10.03 17.77 8.24
CA VAL A 74 8.91 17.09 8.85
C VAL A 74 8.54 17.69 10.22
N GLU A 75 7.26 18.10 10.41
CA GLU A 75 6.71 18.36 11.75
C GLU A 75 6.47 17.07 12.52
N VAL A 76 7.38 16.73 13.44
CA VAL A 76 7.11 15.68 14.42
C VAL A 76 6.31 16.15 15.62
N GLY A 77 6.25 17.47 15.83
CA GLY A 77 5.51 18.06 16.97
C GLY A 77 5.74 17.40 18.33
N ASP A 78 4.65 17.08 19.03
CA ASP A 78 4.79 16.43 20.34
C ASP A 78 4.61 14.93 20.32
N ARG A 79 4.62 14.30 19.14
CA ARG A 79 4.50 12.85 19.09
C ARG A 79 5.57 12.28 19.94
N LYS A 80 5.28 11.16 20.59
CA LYS A 80 6.22 10.53 21.49
C LYS A 80 7.00 9.47 20.77
N GLU A 81 6.59 9.15 19.55
CA GLU A 81 7.17 8.05 18.81
C GLU A 81 7.06 8.35 17.33
N TRP A 82 8.20 8.20 16.65
CA TRP A 82 8.34 8.42 15.21
C TRP A 82 9.78 8.06 14.81
N HIS A 83 9.95 7.53 13.62
CA HIS A 83 11.25 7.47 12.99
C HIS A 83 11.12 7.85 11.54
N ILE A 84 12.09 8.61 11.04
CA ILE A 84 12.13 9.05 9.67
C ILE A 84 13.55 9.00 9.15
N GLY A 85 13.68 9.10 7.82
CA GLY A 85 14.96 8.98 7.15
C GLY A 85 14.87 8.70 5.66
N VAL A 86 15.76 7.87 5.15
CA VAL A 86 15.63 7.46 3.75
C VAL A 86 15.88 5.98 3.66
N CYS A 87 15.43 5.37 2.58
CA CYS A 87 15.74 3.96 2.35
C CYS A 87 15.88 3.69 0.88
N SER A 88 16.64 2.65 0.56
CA SER A 88 16.73 2.13 -0.80
C SER A 88 15.42 1.66 -1.40
N LYS A 89 15.23 1.99 -2.67
CA LYS A 89 14.16 1.49 -3.48
C LYS A 89 13.92 -0.01 -3.28
N ASN A 90 14.97 -0.75 -3.03
CA ASN A 90 14.87 -2.20 -3.04
C ASN A 90 14.88 -2.88 -1.65
N VAL A 91 14.62 -2.14 -0.59
CA VAL A 91 14.50 -2.77 0.71
C VAL A 91 13.42 -3.85 0.71
N GLN A 92 13.55 -4.75 1.66
CA GLN A 92 12.56 -5.77 1.87
C GLN A 92 11.29 -5.15 2.46
N ARG A 93 10.24 -5.12 1.68
CA ARG A 93 8.97 -4.54 2.14
C ARG A 93 8.02 -5.61 2.67
N LYS A 94 8.32 -6.88 2.42
CA LYS A 94 7.41 -7.97 2.79
C LYS A 94 8.06 -8.86 3.82
N GLY A 95 7.46 -8.92 4.99
CA GLY A 95 8.00 -9.73 6.07
C GLY A 95 9.07 -8.97 6.81
N TRP A 96 9.47 -9.53 7.94
CA TRP A 96 10.31 -8.86 8.89
C TRP A 96 11.74 -8.69 8.37
N VAL A 97 12.29 -7.50 8.63
CA VAL A 97 13.72 -7.21 8.50
C VAL A 97 14.07 -6.05 9.42
N LYS A 98 15.26 -6.09 10.03
CA LYS A 98 15.64 -5.02 10.96
C LYS A 98 15.92 -3.76 10.14
N MET A 99 15.36 -2.63 10.53
CA MET A 99 15.61 -1.42 9.75
C MET A 99 17.00 -0.96 10.14
N THR A 100 17.99 -1.27 9.31
CA THR A 100 19.39 -0.89 9.51
C THR A 100 20.04 -0.32 8.27
N PRO A 101 21.23 0.23 8.42
CA PRO A 101 21.86 0.61 7.16
C PRO A 101 22.21 -0.58 6.31
N GLU A 102 22.69 -1.64 6.94
CA GLU A 102 22.98 -2.83 6.19
C GLU A 102 21.77 -3.31 5.37
N ASN A 103 20.55 -3.03 5.82
CA ASN A 103 19.35 -3.44 5.06
C ASN A 103 18.70 -2.30 4.27
N GLY A 104 19.40 -1.18 4.18
CA GLY A 104 19.00 -0.10 3.29
C GLY A 104 18.06 0.90 3.93
N PHE A 105 18.10 0.99 5.24
CA PHE A 105 17.41 2.05 5.97
C PHE A 105 18.42 2.92 6.72
N TRP A 106 18.34 4.23 6.47
CA TRP A 106 19.10 5.23 7.24
C TRP A 106 18.13 6.16 7.96
N THR A 107 17.81 5.82 9.20
CA THR A 107 16.75 6.50 9.94
C THR A 107 17.18 6.73 11.37
N MET A 108 16.60 7.76 11.97
CA MET A 108 16.72 8.03 13.37
C MET A 108 15.32 8.47 13.78
N GLY A 109 15.10 8.65 15.08
CA GLY A 109 13.77 8.91 15.60
C GLY A 109 13.64 8.93 17.12
N LEU A 110 12.40 8.86 17.58
CA LEU A 110 12.08 9.06 18.99
C LEU A 110 11.23 7.88 19.48
N THR A 111 11.57 7.31 20.64
CA THR A 111 10.71 6.30 21.30
C THR A 111 10.38 6.69 22.72
N ASP A 112 9.16 6.38 23.14
CA ASP A 112 8.80 6.39 24.56
C ASP A 112 8.87 7.82 25.13
N GLY A 113 8.56 8.80 24.30
CA GLY A 113 8.53 10.18 24.76
C GLY A 113 9.86 10.92 24.68
N ASN A 114 10.97 10.27 25.02
CA ASN A 114 12.18 11.01 25.31
C ASN A 114 13.46 10.25 25.06
N LYS A 115 13.39 9.15 24.32
CA LYS A 115 14.59 8.37 23.97
C LYS A 115 14.83 8.43 22.45
N TYR A 116 15.66 9.38 22.05
CA TYR A 116 16.03 9.57 20.65
C TYR A 116 17.11 8.58 20.29
N ARG A 117 17.00 7.98 19.12
CA ARG A 117 18.00 7.02 18.75
C ARG A 117 18.16 6.80 17.25
N THR A 118 19.35 6.34 16.90
CA THR A 118 19.73 6.13 15.51
C THR A 118 19.48 4.66 15.24
N LEU A 119 18.77 4.33 14.16
CA LEU A 119 18.48 2.93 13.88
C LEU A 119 19.63 2.23 13.17
N THR A 120 20.78 2.27 13.82
CA THR A 120 21.94 1.49 13.43
C THR A 120 21.91 0.11 14.04
N GLU A 121 22.83 -0.74 13.60
CA GLU A 121 23.05 -2.05 14.22
C GLU A 121 24.40 -2.07 14.91
N PRO A 122 24.40 -2.17 16.23
CA PRO A 122 23.20 -2.01 17.03
C PRO A 122 22.74 -0.55 17.12
N ARG A 123 21.58 -0.37 17.72
CA ARG A 123 21.01 0.95 17.88
C ARG A 123 21.92 1.67 18.83
N THR A 124 21.69 2.97 18.95
CA THR A 124 22.68 3.93 19.39
C THR A 124 21.87 5.10 19.95
N ASN A 125 22.14 5.54 21.17
CA ASN A 125 21.38 6.67 21.71
C ASN A 125 21.86 8.03 21.24
N LEU A 126 20.91 8.93 21.03
CA LEU A 126 21.23 10.31 20.81
C LEU A 126 20.92 11.09 22.05
N LYS A 127 21.82 11.99 22.41
CA LYS A 127 21.54 13.00 23.41
C LYS A 127 21.25 14.31 22.71
N LEU A 128 20.00 14.73 22.74
CA LEU A 128 19.69 16.04 22.19
C LEU A 128 19.49 17.03 23.32
N PRO A 129 20.20 18.16 23.27
CA PRO A 129 19.86 19.29 24.15
C PRO A 129 18.34 19.52 24.31
N LYS A 130 17.65 19.78 23.20
CA LYS A 130 16.23 20.10 23.25
C LYS A 130 15.47 19.19 22.29
N PRO A 131 14.15 19.03 22.51
CA PRO A 131 13.45 18.12 21.62
C PRO A 131 12.96 18.84 20.37
N PRO A 132 13.26 18.29 19.19
CA PRO A 132 12.86 18.94 17.95
C PRO A 132 11.42 18.80 17.75
N LYS A 133 10.79 19.87 17.33
CA LYS A 133 9.41 19.84 16.88
C LYS A 133 9.36 19.65 15.36
N LYS A 134 10.47 19.93 14.69
CA LYS A 134 10.51 19.95 13.23
C LYS A 134 11.88 19.48 12.78
N VAL A 135 11.94 18.40 12.03
CA VAL A 135 13.22 17.91 11.58
C VAL A 135 13.43 18.12 10.09
N GLY A 136 14.63 18.56 9.78
CA GLY A 136 15.07 18.67 8.41
C GLY A 136 15.92 17.45 8.12
N VAL A 137 15.57 16.79 7.03
CA VAL A 137 16.31 15.66 6.52
C VAL A 137 17.00 16.07 5.22
N PHE A 138 18.28 15.72 5.14
CA PHE A 138 19.20 16.21 4.14
C PHE A 138 19.94 15.02 3.54
N LEU A 139 19.94 14.98 2.22
CA LEU A 139 20.65 13.95 1.48
C LEU A 139 21.63 14.56 0.48
N ASP A 140 22.84 14.03 0.49
CA ASP A 140 23.81 14.29 -0.57
C ASP A 140 24.22 12.95 -1.17
N TYR A 141 23.68 12.63 -2.33
CA TYR A 141 23.90 11.31 -2.92
C TYR A 141 25.39 11.05 -3.17
N GLU A 142 26.07 12.05 -3.71
CA GLU A 142 27.45 11.88 -4.17
C GLU A 142 28.45 11.70 -3.03
N THR A 143 28.40 12.53 -2.01
CA THR A 143 29.24 12.33 -0.82
C THR A 143 28.78 11.13 0.00
N GLY A 144 27.48 10.86 0.00
CA GLY A 144 26.92 9.73 0.79
C GLY A 144 26.50 10.15 2.19
N ASP A 145 26.05 11.39 2.36
CA ASP A 145 25.74 11.89 3.70
C ASP A 145 24.25 12.06 3.85
N ILE A 146 23.73 11.54 4.94
CA ILE A 146 22.37 11.87 5.31
C ILE A 146 22.37 12.43 6.71
N SER A 147 21.72 13.57 6.86
CA SER A 147 21.86 14.38 8.04
C SER A 147 20.49 14.79 8.48
N PHE A 148 20.36 14.97 9.78
CA PHE A 148 19.13 15.49 10.32
C PHE A 148 19.48 16.71 11.14
N TYR A 149 18.59 17.70 11.09
CA TYR A 149 18.76 18.95 11.81
C TYR A 149 17.46 19.29 12.51
N ASN A 150 17.58 20.03 13.60
CA ASN A 150 16.43 20.70 14.14
C ASN A 150 16.14 21.85 13.22
N ALA A 151 15.00 21.88 12.60
CA ALA A 151 14.80 22.79 11.49
C ALA A 151 14.26 24.12 11.96
N VAL A 152 14.22 24.31 13.27
CA VAL A 152 13.86 25.61 13.81
C VAL A 152 15.15 26.32 14.18
N ASP A 153 16.00 25.65 14.93
CA ASP A 153 17.11 26.35 15.52
C ASP A 153 18.44 26.01 14.85
N GLY A 154 18.41 25.08 13.89
CA GLY A 154 19.61 24.71 13.14
C GLY A 154 20.55 23.71 13.79
N SER A 155 20.12 23.13 14.91
CA SER A 155 21.06 22.24 15.62
C SER A 155 21.17 20.91 14.90
N HIS A 156 22.35 20.34 14.97
CA HIS A 156 22.61 19.07 14.37
C HIS A 156 21.99 17.99 15.22
N ILE A 157 21.42 16.99 14.56
CA ILE A 157 20.86 15.84 15.26
C ILE A 157 21.67 14.59 14.99
N HIS A 158 21.92 14.27 13.72
CA HIS A 158 22.77 13.12 13.40
C HIS A 158 23.14 13.19 11.93
N THR A 159 24.28 12.57 11.61
CA THR A 159 24.70 12.36 10.23
C THR A 159 25.18 10.93 10.04
N PHE A 160 24.68 10.28 8.99
CA PHE A 160 25.32 9.07 8.50
C PHE A 160 26.31 9.57 7.46
N LEU A 161 27.57 9.18 7.64
CA LEU A 161 28.67 9.70 6.83
C LEU A 161 29.09 8.70 5.79
N ASP A 162 29.21 9.16 4.54
CA ASP A 162 30.03 8.44 3.57
C ASP A 162 29.47 7.06 3.25
N VAL A 163 28.17 7.02 3.01
CA VAL A 163 27.47 5.83 2.58
C VAL A 163 27.62 5.67 1.07
N SER A 164 27.92 4.45 0.66
CA SER A 164 27.96 4.10 -0.74
C SER A 164 26.60 3.62 -1.20
N PHE A 165 25.91 4.49 -1.93
CA PHE A 165 24.56 4.18 -2.43
C PHE A 165 24.66 3.54 -3.80
N SER A 166 23.97 2.43 -3.98
CA SER A 166 23.93 1.79 -5.29
C SER A 166 22.53 1.89 -5.90
N GLU A 167 21.64 2.62 -5.25
CA GLU A 167 20.19 2.49 -5.49
C GLU A 167 19.49 3.86 -5.39
N ALA A 168 18.34 3.99 -6.04
CA ALA A 168 17.46 5.10 -5.73
C ALA A 168 17.01 5.11 -4.28
N LEU A 169 16.87 6.30 -3.71
CA LEU A 169 16.55 6.47 -2.29
C LEU A 169 15.22 7.19 -2.17
N TYR A 170 14.32 6.66 -1.33
CA TYR A 170 13.07 7.36 -0.99
C TYR A 170 13.15 7.91 0.43
N PRO A 171 12.51 9.05 0.65
CA PRO A 171 12.09 9.43 2.01
C PRO A 171 11.18 8.37 2.62
N VAL A 172 11.39 8.08 3.90
CA VAL A 172 10.63 7.06 4.58
C VAL A 172 10.23 7.54 5.97
N PHE A 173 9.06 7.10 6.39
CA PHE A 173 8.47 7.52 7.64
C PHE A 173 7.83 6.27 8.31
N ARG A 174 7.95 6.19 9.63
CA ARG A 174 7.46 5.07 10.42
C ARG A 174 6.86 5.58 11.74
N ILE A 175 5.58 5.28 11.96
CA ILE A 175 4.94 5.49 13.26
C ILE A 175 4.27 4.20 13.75
N LEU A 176 4.56 3.85 15.00
CA LEU A 176 4.12 2.61 15.66
C LEU A 176 2.90 2.76 16.57
N THR A 177 2.69 3.96 17.11
CA THR A 177 1.77 4.16 18.22
C THR A 177 0.57 4.96 17.78
N LEU A 178 -0.48 4.85 18.56
CA LEU A 178 -1.69 5.55 18.21
C LEU A 178 -1.72 6.81 19.05
N GLU A 179 -1.82 7.97 18.41
CA GLU A 179 -1.46 9.22 19.04
C GLU A 179 -2.12 10.41 18.36
N PRO A 180 -2.48 11.44 19.13
CA PRO A 180 -3.33 12.52 18.60
C PRO A 180 -2.66 13.35 17.51
N THR A 181 -1.33 13.37 17.53
CA THR A 181 -0.53 14.23 16.66
C THR A 181 0.05 13.39 15.52
N ALA A 182 -0.18 13.89 14.32
CA ALA A 182 0.32 13.27 13.09
C ALA A 182 1.78 13.65 12.78
N LEU A 183 2.38 12.90 11.86
CA LEU A 183 3.63 13.25 11.21
C LEU A 183 3.26 13.97 9.95
N THR A 184 3.86 15.14 9.76
CA THR A 184 3.39 16.02 8.72
C THR A 184 4.55 16.70 8.03
N ILE A 185 4.54 16.62 6.71
CA ILE A 185 5.61 17.13 5.87
C ILE A 185 5.31 18.58 5.54
N CYS A 186 6.26 19.47 5.79
CA CYS A 186 6.13 20.89 5.39
C CYS A 186 6.70 21.04 4.00
N PRO A 187 5.87 21.42 3.01
CA PRO A 187 6.36 21.77 1.65
C PRO A 187 7.26 22.99 1.71
N ALA A 188 8.01 23.26 0.64
CA ALA A 188 8.51 24.63 0.42
C ALA A 188 7.72 25.37 -0.65
N GLY B 2 -17.33 26.47 -15.91
CA GLY B 2 -18.26 25.61 -16.69
C GLY B 2 -18.61 24.36 -15.93
N ALA B 3 -19.28 23.43 -16.61
CA ALA B 3 -19.52 22.11 -16.02
C ALA B 3 -18.20 21.43 -15.66
N TYR B 4 -17.30 21.36 -16.63
CA TYR B 4 -16.00 20.71 -16.45
C TYR B 4 -15.33 21.28 -15.22
N ASN B 5 -15.15 22.59 -15.20
CA ASN B 5 -14.41 23.19 -14.09
C ASN B 5 -15.10 22.99 -12.76
N GLU B 6 -16.42 23.02 -12.78
CA GLU B 6 -17.22 23.11 -11.57
C GLU B 6 -17.33 21.74 -10.93
N TRP B 7 -17.40 20.71 -11.75
CA TRP B 7 -17.69 19.35 -11.26
C TRP B 7 -16.46 18.43 -11.04
N LYS B 8 -15.32 18.73 -11.66
CA LYS B 8 -14.26 17.72 -11.79
C LYS B 8 -13.72 17.19 -10.46
N LYS B 9 -13.49 18.08 -9.49
CA LYS B 9 -12.97 17.66 -8.19
C LYS B 9 -13.92 16.78 -7.37
N ALA B 10 -15.20 16.85 -7.70
CA ALA B 10 -16.20 16.09 -6.97
C ALA B 10 -16.26 14.70 -7.50
N LEU B 11 -15.70 14.49 -8.67
CA LEU B 11 -15.69 13.16 -9.27
C LEU B 11 -14.29 12.51 -9.33
N PHE B 12 -13.25 13.35 -9.38
CA PHE B 12 -11.88 12.88 -9.64
C PHE B 12 -10.93 13.63 -8.71
N LYS B 13 -10.09 12.88 -7.98
CA LYS B 13 -9.12 13.50 -7.08
C LYS B 13 -8.00 14.16 -7.90
N PRO B 14 -7.91 15.49 -7.83
CA PRO B 14 -6.79 16.14 -8.52
C PRO B 14 -5.42 15.54 -8.12
N ALA B 15 -4.71 15.02 -9.09
CA ALA B 15 -3.35 14.57 -8.87
C ALA B 15 -2.34 15.72 -9.01
N ASP B 16 -1.41 15.74 -8.06
CA ASP B 16 -0.28 16.66 -8.07
C ASP B 16 0.89 15.98 -8.80
N VAL B 17 1.02 16.31 -10.07
CA VAL B 17 1.91 15.58 -10.90
C VAL B 17 3.26 16.28 -10.99
N ILE B 18 4.28 15.55 -10.57
CA ILE B 18 5.62 16.07 -10.53
C ILE B 18 6.49 15.21 -11.45
N LEU B 19 6.98 15.82 -12.53
CA LEU B 19 7.79 15.09 -13.52
C LEU B 19 9.02 14.55 -12.82
N ASP B 20 9.38 13.32 -13.17
CA ASP B 20 10.43 12.56 -12.50
C ASP B 20 11.69 12.54 -13.40
N PRO B 21 12.70 13.36 -13.08
CA PRO B 21 13.78 13.54 -14.07
C PRO B 21 14.56 12.26 -14.41
N LYS B 22 14.58 11.28 -13.53
CA LYS B 22 15.33 10.08 -13.78
C LYS B 22 14.66 9.12 -14.77
N THR B 23 13.41 9.43 -15.10
CA THR B 23 12.69 8.63 -16.10
C THR B 23 12.87 9.20 -17.49
N ALA B 24 13.27 10.47 -17.55
CA ALA B 24 13.24 11.21 -18.80
C ALA B 24 14.37 10.78 -19.71
N ASN B 25 14.04 10.57 -20.96
CA ASN B 25 15.02 10.27 -21.95
C ASN B 25 15.99 11.43 -21.98
N PRO B 26 17.26 11.16 -22.31
CA PRO B 26 18.26 12.18 -22.14
C PRO B 26 18.10 13.36 -23.07
N ILE B 27 17.28 13.24 -24.09
CA ILE B 27 17.06 14.37 -24.96
C ILE B 27 15.98 15.29 -24.41
N LEU B 28 15.38 14.91 -23.29
CA LEU B 28 14.39 15.75 -22.64
C LEU B 28 15.07 16.58 -21.57
N LEU B 29 14.60 17.82 -21.44
CA LEU B 29 14.99 18.69 -20.33
C LEU B 29 13.77 18.94 -19.46
N VAL B 30 13.87 18.56 -18.19
CA VAL B 30 12.84 18.83 -17.20
C VAL B 30 13.19 20.08 -16.39
N SER B 31 12.22 20.96 -16.21
CA SER B 31 12.46 22.20 -15.48
C SER B 31 12.83 21.96 -14.02
N GLU B 32 13.39 23.00 -13.40
CA GLU B 32 13.80 22.94 -12.00
C GLU B 32 12.60 22.58 -11.12
N ASP B 33 11.44 23.15 -11.44
CA ASP B 33 10.26 22.99 -10.59
C ASP B 33 9.56 21.68 -10.95
N GLN B 34 10.05 20.98 -11.98
CA GLN B 34 9.55 19.67 -12.37
C GLN B 34 8.07 19.68 -12.81
N ARG B 35 7.63 20.82 -13.34
CA ARG B 35 6.31 20.92 -13.95
C ARG B 35 6.34 20.96 -15.45
N SER B 36 7.50 21.29 -16.02
CA SER B 36 7.59 21.47 -17.45
C SER B 36 8.66 20.58 -18.08
N VAL B 37 8.40 20.18 -19.32
CA VAL B 37 9.38 19.40 -20.05
C VAL B 37 9.61 19.96 -21.43
N GLN B 38 10.86 20.03 -21.82
CA GLN B 38 11.23 20.56 -23.14
C GLN B 38 12.17 19.59 -23.85
N ARG B 39 12.13 19.63 -25.17
CA ARG B 39 13.09 18.91 -26.05
C ARG B 39 14.37 19.73 -26.22
N ALA B 40 15.47 19.15 -25.75
CA ALA B 40 16.81 19.66 -25.96
C ALA B 40 17.31 19.44 -27.39
N LYS B 41 18.34 20.19 -27.77
CA LYS B 41 18.95 20.08 -29.10
C LYS B 41 19.66 18.76 -29.23
N GLU B 42 20.41 18.35 -28.21
CA GLU B 42 21.02 17.03 -28.24
C GLU B 42 20.85 16.29 -26.90
N PRO B 43 21.21 15.01 -26.86
CA PRO B 43 21.04 14.28 -25.62
C PRO B 43 21.98 14.75 -24.55
N GLN B 44 21.50 14.94 -23.33
CA GLN B 44 22.40 15.21 -22.23
C GLN B 44 23.16 13.94 -21.89
N ASP B 45 24.17 14.10 -21.03
CA ASP B 45 24.96 12.99 -20.55
C ASP B 45 24.42 12.52 -19.19
N LEU B 46 23.73 11.39 -19.21
CA LEU B 46 22.96 10.90 -18.08
C LEU B 46 23.17 9.40 -17.97
N PRO B 47 23.14 8.86 -16.74
CA PRO B 47 23.16 7.40 -16.51
C PRO B 47 22.02 6.66 -17.19
N ASP B 48 22.25 5.38 -17.49
CA ASP B 48 21.18 4.50 -17.96
C ASP B 48 20.60 3.68 -16.81
N ASN B 49 20.22 4.41 -15.77
CA ASN B 49 19.40 3.84 -14.72
C ASN B 49 18.10 3.22 -15.27
N PRO B 50 17.64 2.14 -14.64
CA PRO B 50 16.52 1.33 -15.12
C PRO B 50 15.24 2.12 -15.24
N GLU B 51 15.08 3.17 -14.44
CA GLU B 51 13.87 3.97 -14.56
C GLU B 51 13.75 4.71 -15.88
N ARG B 52 14.89 5.05 -16.49
CA ARG B 52 14.90 5.95 -17.66
C ARG B 52 14.46 5.30 -19.00
N PHE B 53 13.55 5.96 -19.70
CA PHE B 53 13.31 5.65 -21.10
C PHE B 53 14.55 6.01 -21.93
N ASN B 54 15.15 5.02 -22.58
CA ASN B 54 16.37 5.27 -23.38
C ASN B 54 16.16 5.25 -24.87
N TRP B 55 14.95 4.97 -25.32
CA TRP B 55 14.69 5.01 -26.74
C TRP B 55 13.59 6.06 -27.03
N HIS B 56 12.42 5.84 -26.44
CA HIS B 56 11.30 6.76 -26.62
C HIS B 56 11.54 8.06 -25.87
N TYR B 57 11.03 9.16 -26.40
CA TYR B 57 11.30 10.47 -25.81
C TYR B 57 10.23 10.75 -24.75
N CYS B 58 10.21 9.94 -23.71
CA CYS B 58 9.18 10.00 -22.71
C CYS B 58 9.71 10.43 -21.38
N VAL B 59 8.82 11.04 -20.59
CA VAL B 59 9.04 11.21 -19.14
C VAL B 59 7.78 10.86 -18.36
N LEU B 60 7.97 10.30 -17.17
CA LEU B 60 6.83 10.03 -16.28
C LEU B 60 6.66 11.05 -15.17
N GLY B 61 5.47 11.06 -14.58
CA GLY B 61 5.31 11.58 -13.23
C GLY B 61 5.92 10.66 -12.18
N CYS B 62 6.25 11.21 -11.01
CA CYS B 62 6.84 10.43 -9.93
C CYS B 62 5.83 9.48 -9.35
N GLU B 63 4.60 9.94 -9.25
CA GLU B 63 3.54 9.24 -8.56
C GLU B 63 2.65 8.47 -9.52
N SER B 64 2.42 7.21 -9.18
CA SER B 64 1.47 6.37 -9.90
C SER B 64 0.18 6.05 -9.13
N PHE B 65 -0.72 5.28 -9.77
CA PHE B 65 -2.01 4.92 -9.23
C PHE B 65 -2.30 3.42 -9.38
N ILE B 66 -2.84 2.81 -8.34
CA ILE B 66 -3.34 1.46 -8.48
C ILE B 66 -4.83 1.37 -8.23
N SER B 67 -5.46 2.50 -7.99
CA SER B 67 -6.87 2.51 -7.68
C SER B 67 -7.39 3.92 -7.77
N GLY B 68 -8.72 4.02 -7.74
CA GLY B 68 -9.43 5.26 -7.57
C GLY B 68 -9.49 6.10 -8.82
N ARG B 69 -9.94 7.35 -8.66
CA ARG B 69 -10.22 8.25 -9.76
C ARG B 69 -9.38 9.51 -9.62
N HIS B 70 -8.74 9.94 -10.69
CA HIS B 70 -7.73 10.99 -10.63
C HIS B 70 -7.70 11.75 -11.94
N TYR B 71 -7.24 12.99 -11.91
CA TYR B 71 -7.17 13.76 -13.12
C TYR B 71 -6.02 14.72 -13.01
N TRP B 72 -5.44 15.11 -14.15
CA TRP B 72 -4.51 16.21 -14.10
C TRP B 72 -4.57 16.98 -15.42
N GLU B 73 -3.99 18.16 -15.44
CA GLU B 73 -4.15 19.03 -16.57
C GLU B 73 -2.81 19.46 -17.13
N VAL B 74 -2.70 19.46 -18.46
CA VAL B 74 -1.47 19.83 -19.15
C VAL B 74 -1.74 20.97 -20.13
N GLU B 75 -0.95 22.04 -20.00
CA GLU B 75 -0.82 23.08 -21.02
C GLU B 75 0.01 22.57 -22.20
N VAL B 76 -0.68 22.10 -23.23
CA VAL B 76 -0.04 21.88 -24.52
C VAL B 76 0.22 23.17 -25.29
N GLY B 77 -0.64 24.18 -25.11
CA GLY B 77 -0.42 25.48 -25.76
C GLY B 77 -0.45 25.35 -27.27
N ASP B 78 0.38 26.12 -27.95
CA ASP B 78 0.46 26.06 -29.43
C ASP B 78 1.51 25.05 -29.96
N ARG B 79 1.94 24.12 -29.11
CA ARG B 79 2.93 23.15 -29.52
C ARG B 79 2.40 22.29 -30.64
N LYS B 80 3.25 22.06 -31.62
CA LYS B 80 2.85 21.38 -32.86
C LYS B 80 3.01 19.87 -32.73
N GLU B 81 3.75 19.40 -31.72
CA GLU B 81 3.84 17.98 -31.44
C GLU B 81 3.79 17.71 -29.94
N TRP B 82 2.98 16.72 -29.56
CA TRP B 82 2.94 16.20 -28.20
C TRP B 82 2.07 14.97 -28.10
N HIS B 83 2.38 14.09 -27.16
CA HIS B 83 1.45 13.03 -26.79
C HIS B 83 1.55 12.83 -25.31
N ILE B 84 0.40 12.58 -24.69
CA ILE B 84 0.32 12.41 -23.27
C ILE B 84 -0.66 11.31 -22.96
N GLY B 85 -0.65 10.84 -21.71
CA GLY B 85 -1.64 9.87 -21.27
C GLY B 85 -1.22 9.17 -20.00
N VAL B 86 -1.37 7.86 -20.00
CA VAL B 86 -0.85 7.08 -18.92
C VAL B 86 -0.23 5.79 -19.45
N CYS B 87 0.73 5.27 -18.70
CA CYS B 87 1.31 3.97 -19.04
C CYS B 87 1.49 3.14 -17.80
N SER B 88 1.60 1.83 -17.98
CA SER B 88 1.90 0.96 -16.85
C SER B 88 3.32 1.12 -16.39
N LYS B 89 3.49 0.85 -15.12
CA LYS B 89 4.75 0.87 -14.44
C LYS B 89 5.73 -0.10 -15.08
N ASN B 90 5.22 -1.15 -15.71
CA ASN B 90 6.11 -2.16 -16.27
C ASN B 90 6.27 -2.13 -17.80
N VAL B 91 5.97 -1.01 -18.46
CA VAL B 91 6.24 -0.91 -19.88
C VAL B 91 7.71 -1.19 -20.19
N GLN B 92 8.02 -1.42 -21.45
CA GLN B 92 9.42 -1.53 -21.84
C GLN B 92 10.00 -0.14 -21.98
N ARG B 93 10.94 0.18 -21.12
CA ARG B 93 11.63 1.45 -21.18
C ARG B 93 12.95 1.38 -21.94
N LYS B 94 13.52 0.19 -22.04
CA LYS B 94 14.80 0.02 -22.74
C LYS B 94 14.58 -0.54 -24.13
N GLY B 95 14.99 0.23 -25.13
CA GLY B 95 14.77 -0.14 -26.51
C GLY B 95 13.43 0.27 -27.05
N TRP B 96 13.32 0.12 -28.38
CA TRP B 96 12.06 0.34 -29.06
C TRP B 96 11.01 -0.73 -28.74
N VAL B 97 9.84 -0.22 -28.40
CA VAL B 97 8.57 -0.94 -28.46
C VAL B 97 7.55 0.08 -29.01
N LYS B 98 6.38 -0.37 -29.43
CA LYS B 98 5.43 0.57 -30.01
C LYS B 98 4.48 1.00 -28.91
N MET B 99 4.19 2.29 -28.85
CA MET B 99 3.37 2.83 -27.77
C MET B 99 1.92 2.58 -28.09
N THR B 100 1.42 1.48 -27.53
CA THR B 100 0.05 1.01 -27.74
C THR B 100 -0.56 0.44 -26.49
N PRO B 101 -1.89 0.34 -26.48
CA PRO B 101 -2.53 -0.23 -25.32
C PRO B 101 -2.05 -1.61 -25.03
N GLU B 102 -1.79 -2.39 -26.07
CA GLU B 102 -1.40 -3.75 -25.81
C GLU B 102 -0.02 -3.75 -25.18
N ASN B 103 0.75 -2.68 -25.40
CA ASN B 103 2.05 -2.55 -24.73
C ASN B 103 2.07 -1.67 -23.46
N GLY B 104 0.89 -1.28 -22.99
CA GLY B 104 0.76 -0.60 -21.72
C GLY B 104 0.81 0.93 -21.81
N PHE B 105 0.37 1.48 -22.94
CA PHE B 105 0.41 2.90 -23.19
C PHE B 105 -0.95 3.34 -23.67
N TRP B 106 -1.49 4.33 -22.99
CA TRP B 106 -2.78 4.88 -23.37
C TRP B 106 -2.60 6.36 -23.57
N THR B 107 -2.36 6.74 -24.81
CA THR B 107 -2.03 8.11 -25.11
C THR B 107 -2.78 8.59 -26.30
N MET B 108 -2.87 9.89 -26.43
CA MET B 108 -3.31 10.51 -27.66
C MET B 108 -2.53 11.80 -27.76
N GLY B 109 -2.67 12.50 -28.87
CA GLY B 109 -1.83 13.67 -29.08
C GLY B 109 -1.90 14.24 -30.48
N LEU B 110 -0.89 15.02 -30.82
CA LEU B 110 -0.88 15.84 -32.00
C LEU B 110 0.48 15.67 -32.71
N THR B 111 0.49 15.30 -33.99
CA THR B 111 1.68 15.60 -34.82
C THR B 111 1.40 16.69 -35.81
N ASP B 112 2.48 17.31 -36.28
CA ASP B 112 2.48 18.00 -37.56
C ASP B 112 1.45 19.15 -37.60
N GLY B 113 1.40 19.91 -36.51
CA GLY B 113 0.55 21.10 -36.42
C GLY B 113 -0.92 20.84 -36.09
N ASN B 114 -1.53 19.88 -36.78
CA ASN B 114 -2.97 19.76 -36.82
C ASN B 114 -3.50 18.32 -37.02
N LYS B 115 -2.67 17.30 -36.84
CA LYS B 115 -3.15 15.93 -36.91
C LYS B 115 -3.26 15.28 -35.53
N TYR B 116 -4.47 15.23 -35.00
CA TYR B 116 -4.72 14.61 -33.71
C TYR B 116 -4.97 13.12 -33.91
N ARG B 117 -4.35 12.30 -33.05
CA ARG B 117 -4.42 10.84 -33.11
C ARG B 117 -4.56 10.28 -31.70
N THR B 118 -5.13 9.08 -31.58
CA THR B 118 -4.90 8.22 -30.44
C THR B 118 -3.82 7.22 -30.85
N LEU B 119 -2.99 6.81 -29.89
CA LEU B 119 -1.93 5.89 -30.19
C LEU B 119 -2.42 4.51 -29.88
N THR B 120 -3.39 4.11 -30.71
CA THR B 120 -3.89 2.74 -30.79
C THR B 120 -3.13 1.91 -31.81
N GLU B 121 -3.47 0.64 -31.89
CA GLU B 121 -2.93 -0.27 -32.92
C GLU B 121 -4.05 -0.81 -33.84
N PRO B 122 -4.19 -0.26 -35.05
CA PRO B 122 -3.35 0.80 -35.57
C PRO B 122 -3.80 2.15 -35.07
N ARG B 123 -3.10 3.19 -35.50
CA ARG B 123 -3.34 4.56 -35.01
C ARG B 123 -4.67 5.02 -35.60
N THR B 124 -5.21 6.11 -35.07
CA THR B 124 -6.57 6.50 -35.36
C THR B 124 -6.65 7.99 -35.31
N ASN B 125 -7.30 8.59 -36.30
CA ASN B 125 -7.50 10.04 -36.25
C ASN B 125 -8.61 10.45 -35.31
N LEU B 126 -8.46 11.67 -34.82
CA LEU B 126 -9.51 12.39 -34.10
C LEU B 126 -9.67 13.71 -34.81
N LYS B 127 -10.91 14.14 -35.06
CA LYS B 127 -11.09 15.47 -35.60
C LYS B 127 -11.73 16.31 -34.53
N LEU B 128 -11.06 17.39 -34.17
CA LEU B 128 -11.50 18.19 -33.04
C LEU B 128 -11.98 19.51 -33.58
N PRO B 129 -13.26 19.81 -33.33
CA PRO B 129 -13.77 21.17 -33.50
C PRO B 129 -12.69 22.24 -33.35
N LYS B 130 -12.18 22.44 -32.15
CA LYS B 130 -11.09 23.39 -31.94
C LYS B 130 -9.83 22.70 -31.37
N PRO B 131 -8.64 23.25 -31.65
CA PRO B 131 -7.41 22.70 -31.06
C PRO B 131 -7.27 23.04 -29.58
N PRO B 132 -7.11 22.02 -28.71
CA PRO B 132 -7.05 22.32 -27.28
C PRO B 132 -5.77 23.01 -26.91
N LYS B 133 -5.84 23.91 -25.95
CA LYS B 133 -4.66 24.54 -25.39
C LYS B 133 -4.30 23.91 -24.04
N LYS B 134 -5.20 23.09 -23.51
CA LYS B 134 -5.09 22.61 -22.14
C LYS B 134 -5.87 21.32 -22.02
N VAL B 135 -5.20 20.23 -21.69
CA VAL B 135 -5.84 18.93 -21.79
C VAL B 135 -5.95 18.33 -20.42
N GLY B 136 -7.13 17.82 -20.11
CA GLY B 136 -7.37 17.20 -18.84
C GLY B 136 -7.33 15.72 -19.09
N VAL B 137 -6.48 15.04 -18.32
CA VAL B 137 -6.40 13.60 -18.41
C VAL B 137 -7.06 13.01 -17.18
N PHE B 138 -7.88 12.00 -17.41
CA PHE B 138 -8.75 11.50 -16.40
C PHE B 138 -8.65 10.02 -16.35
N LEU B 139 -8.56 9.53 -15.12
CA LEU B 139 -8.35 8.11 -14.87
C LEU B 139 -9.33 7.60 -13.84
N ASP B 140 -10.06 6.56 -14.22
CA ASP B 140 -10.92 5.86 -13.30
C ASP B 140 -10.42 4.45 -13.32
N TYR B 141 -9.69 4.06 -12.28
CA TYR B 141 -8.99 2.79 -12.30
C TYR B 141 -9.98 1.63 -12.29
N GLU B 142 -11.07 1.78 -11.52
CA GLU B 142 -12.00 0.67 -11.28
C GLU B 142 -12.88 0.34 -12.49
N THR B 143 -13.25 1.35 -13.27
CA THR B 143 -13.99 1.07 -14.50
C THR B 143 -13.09 0.84 -15.69
N GLY B 144 -11.85 1.30 -15.63
CA GLY B 144 -10.93 1.11 -16.75
C GLY B 144 -10.95 2.24 -17.76
N ASP B 145 -11.49 3.37 -17.39
CA ASP B 145 -11.65 4.44 -18.34
C ASP B 145 -10.49 5.40 -18.16
N ILE B 146 -9.89 5.78 -19.29
CA ILE B 146 -8.98 6.91 -19.36
C ILE B 146 -9.52 7.84 -20.41
N SER B 147 -9.60 9.12 -20.08
CA SER B 147 -10.36 10.07 -20.90
C SER B 147 -9.61 11.38 -20.97
N PHE B 148 -9.78 12.06 -22.08
CA PHE B 148 -9.12 13.32 -22.28
C PHE B 148 -10.18 14.36 -22.65
N TYR B 149 -10.05 15.54 -22.08
CA TYR B 149 -11.00 16.62 -22.26
C TYR B 149 -10.22 17.88 -22.63
N ASN B 150 -10.81 18.73 -23.48
CA ASN B 150 -10.44 20.14 -23.48
C ASN B 150 -10.72 20.75 -22.11
N ALA B 151 -9.70 21.26 -21.44
CA ALA B 151 -9.90 21.76 -20.08
C ALA B 151 -10.29 23.24 -20.05
N VAL B 152 -10.72 23.80 -21.19
CA VAL B 152 -11.45 25.07 -21.17
C VAL B 152 -12.93 24.88 -21.54
N ASP B 153 -13.19 24.28 -22.69
CA ASP B 153 -14.56 23.93 -23.09
C ASP B 153 -15.26 22.93 -22.20
N GLY B 154 -14.55 21.85 -21.85
CA GLY B 154 -15.19 20.60 -21.41
C GLY B 154 -15.46 19.58 -22.50
N SER B 155 -15.01 19.91 -23.72
CA SER B 155 -15.20 19.06 -24.89
C SER B 155 -14.53 17.72 -24.65
N HIS B 156 -15.26 16.65 -24.93
CA HIS B 156 -14.67 15.32 -24.99
C HIS B 156 -13.71 15.22 -26.15
N ILE B 157 -12.61 14.50 -25.94
CA ILE B 157 -11.56 14.36 -26.94
C ILE B 157 -11.39 12.91 -27.30
N HIS B 158 -11.19 12.06 -26.29
CA HIS B 158 -11.15 10.61 -26.49
C HIS B 158 -11.34 9.86 -25.18
N THR B 159 -11.80 8.60 -25.25
CA THR B 159 -11.85 7.76 -24.10
C THR B 159 -11.49 6.34 -24.45
N PHE B 160 -10.45 5.82 -23.79
CA PHE B 160 -10.19 4.39 -23.79
C PHE B 160 -11.14 3.82 -22.79
N LEU B 161 -11.90 2.80 -23.21
CA LEU B 161 -12.99 2.29 -22.39
C LEU B 161 -12.65 0.96 -21.76
N ASP B 162 -13.13 0.79 -20.54
CA ASP B 162 -13.20 -0.52 -19.88
C ASP B 162 -11.94 -1.35 -20.09
N VAL B 163 -10.80 -0.73 -19.81
CA VAL B 163 -9.50 -1.43 -19.76
C VAL B 163 -9.29 -2.19 -18.45
N SER B 164 -8.79 -3.41 -18.56
CA SER B 164 -8.60 -4.22 -17.36
C SER B 164 -7.16 -4.08 -16.86
N PHE B 165 -6.91 -3.11 -15.99
CA PHE B 165 -5.57 -2.76 -15.55
C PHE B 165 -5.05 -3.76 -14.54
N SER B 166 -3.76 -4.07 -14.57
CA SER B 166 -3.21 -5.05 -13.63
C SER B 166 -1.96 -4.56 -12.90
N GLU B 167 -1.65 -3.28 -13.07
CA GLU B 167 -0.37 -2.71 -12.71
C GLU B 167 -0.69 -1.36 -12.15
N ALA B 168 0.26 -0.74 -11.48
CA ALA B 168 0.17 0.72 -11.28
C ALA B 168 0.28 1.47 -12.59
N LEU B 169 -0.26 2.69 -12.66
CA LEU B 169 -0.15 3.53 -13.87
C LEU B 169 0.49 4.87 -13.58
N TYR B 170 1.29 5.37 -14.52
CA TYR B 170 1.87 6.70 -14.40
C TYR B 170 1.32 7.64 -15.46
N PRO B 171 1.30 8.92 -15.15
CA PRO B 171 1.17 9.89 -16.22
C PRO B 171 2.39 9.85 -17.07
N VAL B 172 2.25 9.96 -18.38
CA VAL B 172 3.38 9.84 -19.29
C VAL B 172 3.26 10.92 -20.33
N PHE B 173 4.41 11.46 -20.73
CA PHE B 173 4.48 12.61 -21.64
C PHE B 173 5.61 12.37 -22.66
N ARG B 174 5.38 12.77 -23.90
CA ARG B 174 6.28 12.44 -25.00
C ARG B 174 6.30 13.57 -25.98
N ILE B 175 7.49 14.12 -26.20
CA ILE B 175 7.67 15.14 -27.24
C ILE B 175 8.86 14.85 -28.16
N LEU B 176 8.61 14.96 -29.46
CA LEU B 176 9.57 14.53 -30.49
C LEU B 176 10.32 15.68 -31.15
N THR B 177 9.81 16.90 -30.98
CA THR B 177 10.29 18.04 -31.77
C THR B 177 10.91 19.16 -30.95
N LEU B 178 11.68 19.98 -31.65
CA LEU B 178 12.35 21.09 -31.04
C LEU B 178 11.50 22.33 -31.26
N GLU B 179 10.81 22.81 -30.22
CA GLU B 179 9.94 24.00 -30.36
C GLU B 179 10.07 24.92 -29.17
N PRO B 180 9.79 26.21 -29.36
CA PRO B 180 9.95 27.17 -28.27
C PRO B 180 9.02 26.90 -27.06
N THR B 181 7.91 26.22 -27.29
CA THR B 181 6.85 26.16 -26.30
C THR B 181 6.86 24.78 -25.64
N ALA B 182 6.83 24.77 -24.31
CA ALA B 182 7.05 23.57 -23.52
C ALA B 182 5.74 22.83 -23.29
N LEU B 183 5.85 21.67 -22.66
CA LEU B 183 4.69 20.99 -22.08
C LEU B 183 4.73 21.25 -20.60
N THR B 184 3.60 21.69 -20.07
CA THR B 184 3.58 22.18 -18.71
C THR B 184 2.40 21.61 -17.94
N ILE B 185 2.71 20.98 -16.81
CA ILE B 185 1.68 20.50 -15.92
C ILE B 185 1.11 21.65 -15.11
N CYS B 186 -0.22 21.76 -15.16
CA CYS B 186 -0.98 22.68 -14.30
C CYS B 186 -1.33 21.98 -12.99
N PRO B 187 -0.76 22.44 -11.87
CA PRO B 187 -1.20 21.95 -10.54
C PRO B 187 -2.58 22.49 -10.17
N ALA B 188 -3.23 21.88 -9.17
CA ALA B 188 -4.63 22.21 -8.83
C ALA B 188 -4.81 23.58 -8.12
N GLY C 2 -26.08 -36.32 27.39
CA GLY C 2 -26.94 -35.60 26.38
C GLY C 2 -26.75 -36.16 24.99
N ALA C 3 -27.67 -35.85 24.09
CA ALA C 3 -27.59 -36.38 22.73
C ALA C 3 -26.24 -36.02 22.11
N TYR C 4 -25.93 -34.72 22.12
CA TYR C 4 -24.68 -34.19 21.57
C TYR C 4 -23.45 -34.99 22.10
N ASN C 5 -23.32 -35.08 23.42
CA ASN C 5 -22.23 -35.84 24.03
C ASN C 5 -22.24 -37.35 23.72
N GLU C 6 -23.41 -37.97 23.76
CA GLU C 6 -23.48 -39.42 23.61
C GLU C 6 -23.30 -39.84 22.15
N TRP C 7 -23.72 -38.99 21.20
CA TRP C 7 -23.75 -39.45 19.80
C TRP C 7 -22.59 -38.93 18.93
N LYS C 8 -21.87 -37.90 19.38
CA LYS C 8 -20.99 -37.16 18.46
C LYS C 8 -19.94 -38.05 17.78
N LYS C 9 -19.32 -38.95 18.56
CA LYS C 9 -18.20 -39.73 18.03
C LYS C 9 -18.71 -40.83 17.11
N ALA C 10 -19.91 -41.32 17.40
CA ALA C 10 -20.54 -42.29 16.53
C ALA C 10 -20.69 -41.75 15.12
N LEU C 11 -20.79 -40.43 14.96
CA LEU C 11 -21.16 -39.86 13.67
C LEU C 11 -20.02 -39.13 12.96
N PHE C 12 -19.14 -38.51 13.76
CA PHE C 12 -18.07 -37.65 13.21
C PHE C 12 -16.74 -38.04 13.84
N LYS C 13 -15.73 -38.16 13.01
CA LYS C 13 -14.41 -38.51 13.51
C LYS C 13 -13.79 -37.31 14.24
N PRO C 14 -13.52 -37.47 15.56
CA PRO C 14 -12.82 -36.41 16.31
C PRO C 14 -11.45 -36.10 15.70
N ALA C 15 -11.31 -34.92 15.11
CA ALA C 15 -10.03 -34.52 14.55
C ALA C 15 -9.11 -34.14 15.72
N ASP C 16 -7.84 -34.55 15.66
CA ASP C 16 -6.83 -33.99 16.56
C ASP C 16 -6.22 -32.77 15.88
N VAL C 17 -6.60 -31.57 16.33
CA VAL C 17 -6.21 -30.36 15.63
C VAL C 17 -5.05 -29.65 16.32
N ILE C 18 -3.98 -29.42 15.57
CA ILE C 18 -2.90 -28.59 16.08
C ILE C 18 -2.73 -27.35 15.22
N LEU C 19 -2.47 -26.22 15.88
CA LEU C 19 -2.32 -24.96 15.17
C LEU C 19 -0.98 -24.91 14.46
N ASP C 20 -0.99 -24.40 13.22
CA ASP C 20 0.22 -24.32 12.37
C ASP C 20 0.85 -22.93 12.42
N PRO C 21 1.92 -22.77 13.21
CA PRO C 21 2.51 -21.44 13.39
C PRO C 21 2.97 -20.76 12.08
N LYS C 22 3.34 -21.55 11.08
CA LYS C 22 3.73 -21.05 9.78
C LYS C 22 2.60 -20.34 9.09
N THR C 23 1.38 -20.56 9.56
CA THR C 23 0.22 -19.86 8.98
C THR C 23 -0.22 -18.61 9.76
N ALA C 24 0.22 -18.47 11.00
CA ALA C 24 -0.35 -17.45 11.87
C ALA C 24 0.14 -16.06 11.44
N ASN C 25 -0.79 -15.14 11.22
CA ASN C 25 -0.48 -13.74 11.30
C ASN C 25 0.52 -13.44 12.43
N PRO C 26 1.49 -12.56 12.15
CA PRO C 26 2.63 -12.43 13.08
C PRO C 26 2.23 -11.71 14.36
N ILE C 27 1.06 -11.09 14.33
CA ILE C 27 0.49 -10.58 15.56
C ILE C 27 -0.05 -11.67 16.47
N LEU C 28 -0.23 -12.88 15.96
CA LEU C 28 -0.62 -14.02 16.80
C LEU C 28 0.58 -14.78 17.32
N LEU C 29 0.44 -15.30 18.55
CA LEU C 29 1.42 -16.21 19.12
C LEU C 29 0.77 -17.57 19.34
N VAL C 30 1.47 -18.63 18.97
CA VAL C 30 0.99 -19.96 19.21
C VAL C 30 1.81 -20.64 20.30
N SER C 31 1.09 -21.23 21.26
CA SER C 31 1.68 -22.01 22.33
C SER C 31 2.61 -23.10 21.83
N GLU C 32 3.39 -23.64 22.76
CA GLU C 32 4.35 -24.70 22.49
C GLU C 32 3.65 -26.00 22.11
N ASP C 33 2.58 -26.35 22.84
CA ASP C 33 1.75 -27.51 22.51
C ASP C 33 1.10 -27.37 21.14
N GLN C 34 0.98 -26.13 20.68
CA GLN C 34 0.34 -25.82 19.39
C GLN C 34 -1.15 -26.06 19.46
N ARG C 35 -1.70 -25.90 20.66
CA ARG C 35 -3.15 -26.03 20.92
C ARG C 35 -3.85 -24.72 21.22
N SER C 36 -3.12 -23.78 21.81
CA SER C 36 -3.71 -22.49 22.11
C SER C 36 -3.08 -21.43 21.23
N VAL C 37 -3.84 -20.35 21.01
CA VAL C 37 -3.32 -19.21 20.30
C VAL C 37 -3.76 -17.94 20.99
N GLN C 38 -2.82 -17.01 21.13
CA GLN C 38 -3.11 -15.71 21.72
C GLN C 38 -2.64 -14.58 20.80
N ARG C 39 -3.39 -13.48 20.81
CA ARG C 39 -2.91 -12.20 20.24
C ARG C 39 -1.85 -11.53 21.10
N ALA C 40 -0.75 -11.13 20.46
CA ALA C 40 0.38 -10.51 21.16
C ALA C 40 0.27 -8.99 21.00
N LYS C 41 1.03 -8.24 21.80
CA LYS C 41 1.04 -6.77 21.75
C LYS C 41 1.63 -6.32 20.43
N GLU C 42 2.63 -7.08 19.99
CA GLU C 42 3.50 -6.68 18.92
C GLU C 42 3.77 -7.87 18.05
N PRO C 43 3.98 -7.59 16.77
CA PRO C 43 4.10 -8.70 15.86
C PRO C 43 5.43 -9.39 16.03
N GLN C 44 5.47 -10.69 15.80
CA GLN C 44 6.71 -11.42 15.82
C GLN C 44 7.57 -11.16 14.60
N ASP C 45 8.86 -11.28 14.77
CA ASP C 45 9.78 -11.10 13.67
C ASP C 45 9.74 -12.31 12.76
N LEU C 46 8.80 -12.29 11.82
CA LEU C 46 8.54 -13.47 11.04
C LEU C 46 8.49 -13.13 9.56
N PRO C 47 8.84 -14.09 8.72
CA PRO C 47 8.82 -13.84 7.30
C PRO C 47 7.38 -13.89 6.76
N ASP C 48 7.18 -13.41 5.54
CA ASP C 48 5.87 -13.39 4.86
C ASP C 48 5.84 -14.56 3.90
N ASN C 49 6.17 -15.75 4.42
CA ASN C 49 6.11 -16.97 3.60
C ASN C 49 4.69 -17.21 3.10
N PRO C 50 4.52 -17.94 1.98
CA PRO C 50 3.23 -18.02 1.22
C PRO C 50 2.05 -18.57 2.01
N GLU C 51 2.34 -19.33 3.06
CA GLU C 51 1.33 -20.00 3.87
C GLU C 51 0.76 -19.07 4.95
N ARG C 52 1.44 -17.94 5.20
CA ARG C 52 1.06 -17.04 6.30
C ARG C 52 0.02 -15.98 5.95
N PHE C 53 -0.98 -15.89 6.78
CA PHE C 53 -1.94 -14.82 6.69
C PHE C 53 -1.25 -13.52 7.14
N ASN C 54 -1.30 -12.50 6.29
CA ASN C 54 -0.72 -11.20 6.62
C ASN C 54 -1.65 -10.00 6.70
N TRP C 55 -2.93 -10.16 6.42
CA TRP C 55 -3.87 -9.13 6.74
C TRP C 55 -4.80 -9.56 7.87
N HIS C 56 -5.47 -10.70 7.71
CA HIS C 56 -6.36 -11.22 8.75
C HIS C 56 -5.59 -11.82 9.89
N TYR C 57 -6.14 -11.73 11.09
CA TYR C 57 -5.42 -12.27 12.24
C TYR C 57 -5.77 -13.74 12.43
N CYS C 58 -5.50 -14.55 11.41
CA CYS C 58 -5.96 -15.92 11.38
C CYS C 58 -4.81 -16.92 11.59
N VAL C 59 -5.15 -18.09 12.11
CA VAL C 59 -4.25 -19.24 12.09
C VAL C 59 -5.01 -20.52 11.73
N LEU C 60 -4.35 -21.43 11.00
CA LEU C 60 -4.98 -22.68 10.56
C LEU C 60 -4.46 -23.88 11.34
N GLY C 61 -5.22 -24.98 11.29
CA GLY C 61 -4.68 -26.30 11.65
C GLY C 61 -3.63 -26.78 10.65
N CYS C 62 -2.69 -27.61 11.12
CA CYS C 62 -1.73 -28.26 10.22
C CYS C 62 -2.35 -29.21 9.18
N GLU C 63 -3.44 -29.89 9.54
CA GLU C 63 -4.05 -30.90 8.65
C GLU C 63 -5.36 -30.39 8.10
N SER C 64 -5.59 -30.62 6.81
CA SER C 64 -6.91 -30.38 6.20
C SER C 64 -7.69 -31.67 5.91
N PHE C 65 -8.89 -31.50 5.36
CA PHE C 65 -9.83 -32.60 5.13
C PHE C 65 -10.34 -32.46 3.73
N ILE C 66 -10.37 -33.56 2.98
CA ILE C 66 -10.97 -33.54 1.64
C ILE C 66 -12.22 -34.43 1.52
N SER C 67 -12.57 -35.14 2.58
CA SER C 67 -13.74 -36.03 2.54
C SER C 67 -14.15 -36.43 3.94
N GLY C 68 -15.35 -36.96 4.05
CA GLY C 68 -15.80 -37.57 5.29
C GLY C 68 -16.23 -36.55 6.31
N ARG C 69 -16.27 -36.99 7.56
CA ARG C 69 -17.04 -36.31 8.58
C ARG C 69 -16.18 -36.16 9.85
N HIS C 70 -15.98 -34.92 10.27
CA HIS C 70 -15.02 -34.67 11.33
C HIS C 70 -15.50 -33.54 12.23
N TYR C 71 -14.92 -33.49 13.43
CA TYR C 71 -15.32 -32.52 14.43
C TYR C 71 -14.17 -32.23 15.39
N TRP C 72 -14.12 -30.97 15.85
CA TRP C 72 -13.21 -30.58 16.94
C TRP C 72 -13.91 -29.55 17.83
N GLU C 73 -13.43 -29.45 19.07
CA GLU C 73 -14.06 -28.57 20.04
C GLU C 73 -13.05 -27.54 20.52
N VAL C 74 -13.45 -26.27 20.46
CA VAL C 74 -12.58 -25.17 20.87
C VAL C 74 -13.07 -24.55 22.17
N GLU C 75 -12.16 -24.44 23.15
CA GLU C 75 -12.42 -23.68 24.39
C GLU C 75 -12.38 -22.17 24.15
N VAL C 76 -13.52 -21.57 23.86
CA VAL C 76 -13.57 -20.12 23.80
C VAL C 76 -13.46 -19.50 25.19
N GLY C 77 -13.94 -20.21 26.21
CA GLY C 77 -14.03 -19.63 27.55
C GLY C 77 -14.84 -18.33 27.57
N ASP C 78 -14.34 -17.34 28.31
CA ASP C 78 -15.03 -16.07 28.40
C ASP C 78 -14.32 -14.96 27.60
N ARG C 79 -13.54 -15.34 26.58
CA ARG C 79 -13.01 -14.36 25.63
C ARG C 79 -14.15 -13.50 25.11
N LYS C 80 -13.88 -12.20 24.97
CA LYS C 80 -14.92 -11.30 24.52
C LYS C 80 -14.94 -11.21 23.00
N GLU C 81 -13.91 -11.76 22.34
CA GLU C 81 -13.83 -11.79 20.86
C GLU C 81 -13.12 -13.04 20.34
N TRP C 82 -13.74 -13.69 19.38
CA TRP C 82 -13.14 -14.80 18.66
C TRP C 82 -14.00 -15.06 17.45
N HIS C 83 -13.42 -15.64 16.41
CA HIS C 83 -14.20 -16.27 15.35
C HIS C 83 -13.49 -17.54 14.91
N ILE C 84 -14.30 -18.56 14.62
CA ILE C 84 -13.79 -19.87 14.24
C ILE C 84 -14.64 -20.51 13.17
N GLY C 85 -14.07 -21.57 12.61
CA GLY C 85 -14.73 -22.31 11.55
C GLY C 85 -13.78 -23.07 10.68
N VAL C 86 -14.09 -23.08 9.39
CA VAL C 86 -13.23 -23.73 8.44
C VAL C 86 -13.12 -22.80 7.23
N CYS C 87 -12.06 -22.98 6.47
CA CYS C 87 -11.94 -22.23 5.24
C CYS C 87 -11.34 -23.17 4.24
N SER C 88 -11.50 -22.82 2.97
CA SER C 88 -10.83 -23.51 1.88
C SER C 88 -9.32 -23.28 1.94
N LYS C 89 -8.57 -24.33 1.62
CA LYS C 89 -7.13 -24.23 1.36
C LYS C 89 -6.74 -23.04 0.47
N ASN C 90 -7.57 -22.69 -0.49
CA ASN C 90 -7.12 -21.74 -1.49
C ASN C 90 -7.55 -20.31 -1.20
N VAL C 91 -7.82 -19.98 0.07
CA VAL C 91 -8.23 -18.62 0.40
C VAL C 91 -7.09 -17.62 0.18
N GLN C 92 -7.45 -16.38 -0.10
CA GLN C 92 -6.51 -15.27 -0.10
C GLN C 92 -5.94 -15.05 1.30
N ARG C 93 -4.64 -15.29 1.43
CA ARG C 93 -3.95 -15.22 2.72
C ARG C 93 -3.18 -13.89 2.84
N LYS C 94 -3.06 -13.23 1.69
CA LYS C 94 -2.18 -12.10 1.51
C LYS C 94 -3.04 -10.95 1.08
N GLY C 95 -3.11 -9.90 1.88
CA GLY C 95 -4.00 -8.79 1.52
C GLY C 95 -5.39 -8.93 2.08
N TRP C 96 -6.15 -7.85 1.99
CA TRP C 96 -7.49 -7.85 2.51
C TRP C 96 -8.38 -8.69 1.63
N VAL C 97 -9.12 -9.57 2.27
CA VAL C 97 -10.34 -10.12 1.68
C VAL C 97 -11.39 -10.20 2.76
N LYS C 98 -12.65 -10.00 2.38
CA LYS C 98 -13.74 -10.13 3.34
C LYS C 98 -13.99 -11.63 3.63
N MET C 99 -13.96 -11.97 4.91
CA MET C 99 -14.12 -13.36 5.30
C MET C 99 -15.58 -13.77 5.14
N THR C 100 -15.86 -14.41 4.00
CA THR C 100 -17.19 -14.90 3.64
C THR C 100 -17.15 -16.27 2.96
N PRO C 101 -18.32 -16.86 2.76
CA PRO C 101 -18.38 -18.17 2.12
C PRO C 101 -18.09 -18.08 0.64
N GLU C 102 -18.61 -17.03 -0.01
CA GLU C 102 -18.22 -16.77 -1.37
C GLU C 102 -16.68 -16.65 -1.52
N ASN C 103 -15.96 -16.31 -0.43
CA ASN C 103 -14.50 -16.29 -0.46
C ASN C 103 -13.81 -17.44 0.26
N GLY C 104 -14.55 -18.49 0.59
CA GLY C 104 -13.94 -19.73 1.07
C GLY C 104 -13.82 -19.76 2.57
N PHE C 105 -14.62 -18.96 3.24
CA PHE C 105 -14.63 -18.97 4.69
C PHE C 105 -16.01 -19.31 5.22
N TRP C 106 -16.03 -20.21 6.19
CA TRP C 106 -17.28 -20.58 6.87
C TRP C 106 -17.04 -20.55 8.35
N THR C 107 -17.50 -19.47 8.97
CA THR C 107 -17.02 -19.07 10.31
C THR C 107 -18.13 -18.34 11.05
N MET C 108 -18.05 -18.37 12.37
CA MET C 108 -18.93 -17.56 13.19
C MET C 108 -18.20 -17.22 14.46
N GLY C 109 -18.77 -16.31 15.25
CA GLY C 109 -18.21 -16.01 16.57
C GLY C 109 -18.81 -14.80 17.23
N LEU C 110 -17.97 -14.17 18.05
CA LEU C 110 -18.37 -13.20 19.05
C LEU C 110 -17.52 -11.94 18.86
N THR C 111 -18.15 -10.77 18.62
CA THR C 111 -17.51 -9.50 19.06
C THR C 111 -18.12 -8.94 20.31
N ASP C 112 -17.25 -8.33 21.10
CA ASP C 112 -17.66 -7.24 21.96
C ASP C 112 -18.30 -7.74 23.25
N GLY C 113 -17.80 -8.87 23.76
CA GLY C 113 -18.32 -9.52 24.96
C GLY C 113 -19.51 -10.45 24.75
N ASN C 114 -20.43 -10.07 23.85
CA ASN C 114 -21.83 -10.48 23.95
C ASN C 114 -22.57 -10.39 22.63
N LYS C 115 -21.89 -10.09 21.53
CA LYS C 115 -22.60 -9.98 20.25
C LYS C 115 -22.14 -11.04 19.21
N TYR C 116 -23.04 -11.95 18.87
CA TYR C 116 -22.67 -13.21 18.21
C TYR C 116 -23.10 -13.11 16.75
N ARG C 117 -22.28 -13.62 15.83
CA ARG C 117 -22.58 -13.47 14.42
C ARG C 117 -22.09 -14.64 13.61
N THR C 118 -22.65 -14.79 12.41
CA THR C 118 -22.08 -15.59 11.36
C THR C 118 -21.45 -14.69 10.32
N LEU C 119 -20.24 -15.05 9.88
CA LEU C 119 -19.55 -14.24 8.89
C LEU C 119 -20.02 -14.60 7.47
N THR C 120 -21.23 -14.12 7.20
CA THR C 120 -21.86 -14.18 5.89
C THR C 120 -21.82 -12.80 5.23
N GLU C 121 -22.29 -12.75 4.00
CA GLU C 121 -22.45 -11.52 3.28
C GLU C 121 -23.95 -11.34 2.92
N PRO C 122 -24.66 -10.53 3.69
CA PRO C 122 -24.09 -9.78 4.80
C PRO C 122 -24.00 -10.58 6.08
N ARG C 123 -23.35 -9.98 7.05
CA ARG C 123 -23.28 -10.59 8.33
C ARG C 123 -24.70 -10.65 8.87
N THR C 124 -24.86 -11.55 9.82
CA THR C 124 -26.14 -12.01 10.30
C THR C 124 -25.94 -12.11 11.80
N ASN C 125 -26.81 -11.49 12.60
CA ASN C 125 -26.74 -11.69 14.04
C ASN C 125 -27.32 -13.05 14.43
N LEU C 126 -26.81 -13.58 15.54
CA LEU C 126 -27.30 -14.81 16.15
C LEU C 126 -27.80 -14.47 17.52
N LYS C 127 -29.01 -14.91 17.86
CA LYS C 127 -29.47 -14.89 19.25
C LYS C 127 -29.08 -16.20 19.92
N LEU C 128 -28.38 -16.12 21.05
CA LEU C 128 -27.88 -17.30 21.74
C LEU C 128 -28.37 -17.32 23.19
N PRO C 129 -29.18 -18.34 23.54
CA PRO C 129 -29.66 -18.55 24.89
C PRO C 129 -28.66 -18.09 25.95
N LYS C 130 -27.40 -18.50 25.83
CA LYS C 130 -26.36 -17.99 26.72
C LYS C 130 -24.96 -18.16 26.12
N PRO C 131 -23.93 -17.58 26.78
CA PRO C 131 -22.53 -17.68 26.31
C PRO C 131 -21.99 -19.11 26.24
N PRO C 132 -21.66 -19.61 25.03
CA PRO C 132 -20.83 -20.81 24.95
C PRO C 132 -19.46 -20.61 25.55
N LYS C 133 -18.99 -21.57 26.32
CA LYS C 133 -17.61 -21.59 26.80
C LYS C 133 -16.81 -22.62 26.02
N LYS C 134 -17.49 -23.37 25.16
CA LYS C 134 -16.85 -24.44 24.39
C LYS C 134 -17.68 -24.74 23.17
N VAL C 135 -17.04 -24.68 22.00
CA VAL C 135 -17.79 -24.73 20.78
C VAL C 135 -17.29 -25.88 19.96
N GLY C 136 -18.26 -26.58 19.36
CA GLY C 136 -18.00 -27.73 18.57
C GLY C 136 -18.21 -27.37 17.13
N VAL C 137 -17.19 -27.67 16.33
CA VAL C 137 -17.23 -27.38 14.92
C VAL C 137 -17.28 -28.72 14.20
N PHE C 138 -18.31 -28.87 13.38
CA PHE C 138 -18.62 -30.13 12.74
C PHE C 138 -18.63 -29.95 11.25
N LEU C 139 -18.00 -30.90 10.55
CA LEU C 139 -17.90 -30.88 9.10
C LEU C 139 -18.35 -32.20 8.49
N ASP C 140 -19.20 -32.09 7.47
CA ASP C 140 -19.66 -33.22 6.66
C ASP C 140 -19.40 -32.85 5.19
N TYR C 141 -18.25 -33.29 4.67
CA TYR C 141 -17.76 -32.88 3.37
C TYR C 141 -18.83 -33.19 2.34
N GLU C 142 -19.43 -34.37 2.47
CA GLU C 142 -20.24 -34.93 1.40
C GLU C 142 -21.58 -34.22 1.27
N THR C 143 -22.21 -33.89 2.40
CA THR C 143 -23.45 -33.10 2.38
C THR C 143 -23.18 -31.63 2.21
N GLY C 144 -21.91 -31.25 2.43
CA GLY C 144 -21.52 -29.85 2.51
C GLY C 144 -22.06 -29.17 3.77
N ASP C 145 -21.95 -29.82 4.92
CA ASP C 145 -22.58 -29.28 6.11
C ASP C 145 -21.52 -28.91 7.11
N ILE C 146 -21.44 -27.62 7.41
CA ILE C 146 -20.63 -27.17 8.53
C ILE C 146 -21.55 -26.58 9.56
N SER C 147 -21.31 -26.97 10.81
CA SER C 147 -22.19 -26.54 11.87
C SER C 147 -21.44 -26.47 13.18
N PHE C 148 -22.03 -25.68 14.06
CA PHE C 148 -21.42 -25.31 15.32
C PHE C 148 -22.46 -25.57 16.40
N TYR C 149 -21.96 -25.91 17.60
CA TYR C 149 -22.78 -26.37 18.69
C TYR C 149 -22.08 -25.90 19.96
N ASN C 150 -22.86 -25.48 20.95
CA ASN C 150 -22.35 -25.50 22.32
C ASN C 150 -21.99 -26.95 22.67
N ALA C 151 -20.74 -27.19 23.04
CA ALA C 151 -20.28 -28.55 23.24
C ALA C 151 -20.38 -28.94 24.71
N VAL C 152 -20.86 -28.00 25.54
CA VAL C 152 -21.24 -28.29 26.94
C VAL C 152 -22.68 -28.79 27.00
N ASP C 153 -23.62 -28.10 26.39
CA ASP C 153 -25.01 -28.47 26.55
C ASP C 153 -25.76 -28.91 25.26
N GLY C 154 -25.02 -29.24 24.21
CA GLY C 154 -25.64 -29.74 22.96
C GLY C 154 -26.45 -28.74 22.14
N SER C 155 -26.49 -27.50 22.64
CA SER C 155 -27.32 -26.46 22.01
C SER C 155 -26.76 -26.12 20.61
N HIS C 156 -27.62 -26.08 19.61
CA HIS C 156 -27.24 -25.62 18.27
C HIS C 156 -26.87 -24.14 18.29
N ILE C 157 -25.97 -23.76 17.38
CA ILE C 157 -25.51 -22.38 17.24
C ILE C 157 -25.74 -21.86 15.85
N HIS C 158 -25.23 -22.57 14.86
CA HIS C 158 -25.58 -22.25 13.47
C HIS C 158 -24.99 -23.34 12.60
N THR C 159 -25.56 -23.46 11.40
CA THR C 159 -25.17 -24.47 10.46
C THR C 159 -25.14 -23.81 9.10
N PHE C 160 -24.14 -24.18 8.30
CA PHE C 160 -24.03 -23.72 6.93
C PHE C 160 -24.50 -24.88 6.09
N LEU C 161 -25.64 -24.72 5.44
CA LEU C 161 -26.32 -25.86 4.85
C LEU C 161 -25.78 -26.05 3.46
N ASP C 162 -25.40 -27.28 3.17
CA ASP C 162 -25.29 -27.76 1.80
C ASP C 162 -24.38 -26.90 0.92
N VAL C 163 -23.08 -26.98 1.16
CA VAL C 163 -22.12 -26.23 0.37
C VAL C 163 -21.38 -27.15 -0.58
N SER C 164 -21.18 -26.70 -1.80
CA SER C 164 -20.41 -27.46 -2.78
C SER C 164 -18.93 -27.16 -2.59
N PHE C 165 -18.27 -27.96 -1.78
CA PHE C 165 -16.82 -27.89 -1.61
C PHE C 165 -16.09 -28.42 -2.83
N SER C 166 -15.02 -27.72 -3.22
CA SER C 166 -14.22 -28.12 -4.37
C SER C 166 -12.76 -28.28 -4.02
N GLU C 167 -12.42 -28.16 -2.73
CA GLU C 167 -11.04 -28.40 -2.28
C GLU C 167 -10.95 -28.64 -0.79
N ALA C 168 -9.75 -29.01 -0.37
CA ALA C 168 -9.49 -29.27 1.04
C ALA C 168 -9.91 -28.11 1.94
N LEU C 169 -10.28 -28.45 3.18
CA LEU C 169 -10.78 -27.49 4.12
C LEU C 169 -9.95 -27.55 5.39
N TYR C 170 -9.47 -26.39 5.83
CA TYR C 170 -8.77 -26.32 7.08
C TYR C 170 -9.69 -25.70 8.09
N PRO C 171 -9.53 -26.12 9.35
CA PRO C 171 -10.00 -25.38 10.50
C PRO C 171 -9.27 -24.07 10.59
N VAL C 172 -9.98 -23.03 11.02
CA VAL C 172 -9.44 -21.69 11.05
C VAL C 172 -9.88 -20.95 12.30
N PHE C 173 -9.01 -20.09 12.82
CA PHE C 173 -9.29 -19.36 14.06
C PHE C 173 -8.81 -17.92 13.94
N ARG C 174 -9.62 -16.97 14.37
CA ARG C 174 -9.23 -15.58 14.27
C ARG C 174 -9.54 -14.85 15.55
N ILE C 175 -8.51 -14.25 16.12
CA ILE C 175 -8.70 -13.32 17.25
C ILE C 175 -8.13 -11.93 16.98
N LEU C 176 -8.91 -10.90 17.29
CA LEU C 176 -8.55 -9.50 17.02
C LEU C 176 -8.03 -8.73 18.24
N THR C 177 -8.41 -9.14 19.45
CA THR C 177 -8.28 -8.30 20.61
C THR C 177 -7.14 -8.77 21.49
N LEU C 178 -6.54 -7.83 22.21
CA LEU C 178 -5.63 -8.20 23.26
C LEU C 178 -6.44 -8.40 24.54
N GLU C 179 -6.42 -9.62 25.05
CA GLU C 179 -7.07 -9.95 26.31
C GLU C 179 -6.62 -11.32 26.83
N PRO C 180 -7.02 -11.67 28.06
CA PRO C 180 -6.13 -12.57 28.79
C PRO C 180 -6.44 -14.06 28.60
N THR C 181 -7.65 -14.37 28.13
CA THR C 181 -7.96 -15.76 27.76
C THR C 181 -7.70 -16.12 26.29
N ALA C 182 -6.95 -17.20 26.15
CA ALA C 182 -6.60 -17.75 24.85
C ALA C 182 -7.76 -18.56 24.22
N LEU C 183 -7.65 -18.83 22.92
CA LEU C 183 -8.41 -19.91 22.32
C LEU C 183 -7.61 -21.13 22.56
N THR C 184 -8.26 -22.16 23.08
CA THR C 184 -7.61 -23.43 23.27
C THR C 184 -8.40 -24.52 22.56
N ILE C 185 -7.68 -25.46 21.98
CA ILE C 185 -8.28 -26.60 21.33
C ILE C 185 -8.25 -27.81 22.25
N CYS C 186 -9.42 -28.40 22.47
CA CYS C 186 -9.54 -29.66 23.20
C CYS C 186 -9.21 -30.81 22.25
N PRO C 187 -8.34 -31.74 22.69
CA PRO C 187 -7.92 -32.92 21.89
C PRO C 187 -8.89 -34.13 21.89
N ALA C 188 -8.55 -35.20 21.14
CA ALA C 188 -8.94 -36.61 21.42
C ALA C 188 -10.00 -36.85 22.51
#